data_5UA2
#
_entry.id   5UA2
#
_cell.length_a   60.365
_cell.length_b   79.545
_cell.length_c   77.124
_cell.angle_alpha   90.00
_cell.angle_beta   106.81
_cell.angle_gamma   90.00
#
_symmetry.space_group_name_H-M   'C 1 2 1'
#
loop_
_entity.id
_entity.type
_entity.pdbx_description
1 polymer 'HTH-type transcriptional repressor KstR'
2 polymer "DNA (5'-D(P*CP*CP*CP*AP*CP*TP*AP*GP*AP*AP*CP*GP*TP*GP*TP*TP*CP*TP*AP*AP*TP*AP*GP*T)-3')"
3 polymer "DNA (5'-D(P*AP*CP*TP*AP*TP*TP*AP*GP*AP*AP*CP*AP*CP*GP*TP*TP*CP*TP*AP*GP*TP*GP*GP*G)-3')"
4 non-polymer 'TRIETHYLENE GLYCOL'
5 water water
#
loop_
_entity_poly.entity_id
_entity_poly.type
_entity_poly.pdbx_seq_one_letter_code
_entity_poly.pdbx_strand_id
1 'polypeptide(L)'
;GAMEMSSANTNTSSAPDAPPRAVMKVAVLAESELGSEAQRERRKRILDATMAIASKGGYEAVQMRAVADRADVAVGTLYR
YFPSKVHLLVSALGREFSRIDAKTDRSAVAGATPFQRLNFMVGKLNRAMQRNPLLTEAMTRAYVFADASAASEVDQVEKL
IDSMFARAMANGEPTEDQYHIARVISDVWLSNLLAWLTRRASATDVSKRLDLAVRLLIGDQDSA
;
A
2 'polydeoxyribonucleotide'
;(DG)(DC)(DC)(DC)(DA)(DC)(DT)(DA)(DG)(DA)(DA)(DC)(DG)(DT)(DG)(DT)(DT)(DC)(DT)(DA)
(DA)(DT)(DA)(DG)(DT)(DG)
;
M
3 'polydeoxyribonucleotide'
;(DC)(DA)(DC)(DT)(DA)(DT)(DT)(DA)(DG)(DA)(DA)(DC)(DA)(DC)(DG)(DT)(DT)(DC)(DT)(DA)
(DG)(DT)(DG)(DG)(DG)(DC)
;
N
#
loop_
_chem_comp.id
_chem_comp.type
_chem_comp.name
_chem_comp.formula
DA DNA linking 2'-DEOXYADENOSINE-5'-MONOPHOSPHATE 'C10 H14 N5 O6 P'
DC DNA linking 2'-DEOXYCYTIDINE-5'-MONOPHOSPHATE 'C9 H14 N3 O7 P'
DG DNA linking 2'-DEOXYGUANOSINE-5'-MONOPHOSPHATE 'C10 H14 N5 O7 P'
DT DNA linking THYMIDINE-5'-MONOPHOSPHATE 'C10 H15 N2 O8 P'
PGE non-polymer 'TRIETHYLENE GLYCOL' 'C6 H14 O4'
#
# COMPACT_ATOMS: atom_id res chain seq x y z
N GLY A 35 26.92 -12.91 5.25
CA GLY A 35 26.81 -12.86 3.80
C GLY A 35 25.64 -12.03 3.28
N SER A 36 25.83 -11.40 2.12
CA SER A 36 24.77 -10.56 1.55
C SER A 36 23.58 -11.39 1.07
N GLU A 37 23.83 -12.64 0.64
CA GLU A 37 22.74 -13.52 0.24
C GLU A 37 21.88 -13.89 1.45
N ALA A 38 22.52 -14.28 2.55
CA ALA A 38 21.77 -14.58 3.77
C ALA A 38 21.12 -13.33 4.34
N GLN A 39 21.82 -12.18 4.26
CA GLN A 39 21.25 -10.93 4.75
C GLN A 39 19.96 -10.60 4.00
N ARG A 40 19.99 -10.70 2.66
CA ARG A 40 18.78 -10.53 1.89
C ARG A 40 17.72 -11.55 2.31
N GLU A 41 18.14 -12.79 2.55
CA GLU A 41 17.20 -13.84 2.92
C GLU A 41 16.49 -13.51 4.23
N ARG A 42 17.20 -12.90 5.19
CA ARG A 42 16.53 -12.55 6.42
C ARG A 42 15.76 -11.24 6.33
N ARG A 43 16.09 -10.36 5.37
CA ARG A 43 15.19 -9.24 5.10
C ARG A 43 13.85 -9.74 4.60
N LYS A 44 13.89 -10.63 3.59
CA LYS A 44 12.66 -11.24 3.11
C LYS A 44 11.95 -12.04 4.18
N ARG A 45 12.70 -12.71 5.07
CA ARG A 45 12.04 -13.47 6.13
C ARG A 45 11.37 -12.54 7.14
N ILE A 46 12.00 -11.40 7.42
CA ILE A 46 11.42 -10.41 8.34
C ILE A 46 10.14 -9.82 7.77
N LEU A 47 10.15 -9.39 6.51
CA LEU A 47 8.95 -8.80 5.94
C LEU A 47 7.86 -9.85 5.74
N ASP A 48 8.23 -11.04 5.27
CA ASP A 48 7.25 -12.11 5.14
C ASP A 48 6.62 -12.42 6.48
N ALA A 49 7.42 -12.42 7.55
CA ALA A 49 6.86 -12.58 8.89
C ALA A 49 5.87 -11.45 9.19
N THR A 50 6.25 -10.21 8.88
CA THR A 50 5.40 -9.06 9.13
C THR A 50 4.05 -9.21 8.44
N MET A 51 4.05 -9.63 7.17
CA MET A 51 2.79 -9.80 6.47
C MET A 51 1.98 -10.94 7.09
N ALA A 52 2.66 -12.01 7.49
CA ALA A 52 1.95 -13.13 8.12
C ALA A 52 1.24 -12.69 9.39
N ILE A 53 1.95 -11.97 10.28
CA ILE A 53 1.36 -11.60 11.56
C ILE A 53 0.30 -10.54 11.37
N ALA A 54 0.56 -9.56 10.50
CA ALA A 54 -0.42 -8.51 10.27
C ALA A 54 -1.70 -9.06 9.69
N SER A 55 -1.59 -10.03 8.77
CA SER A 55 -2.79 -10.65 8.22
C SER A 55 -3.60 -11.33 9.31
N LYS A 56 -2.95 -11.80 10.38
CA LYS A 56 -3.66 -12.51 11.43
C LYS A 56 -4.25 -11.57 12.47
N GLY A 57 -3.57 -10.46 12.79
CA GLY A 57 -4.01 -9.69 13.95
C GLY A 57 -3.88 -8.18 13.85
N GLY A 58 -3.48 -7.68 12.70
CA GLY A 58 -3.48 -6.25 12.47
C GLY A 58 -2.31 -5.54 13.10
N TYR A 59 -2.44 -4.21 13.15
CA TYR A 59 -1.36 -3.36 13.62
C TYR A 59 -0.94 -3.69 15.04
N GLU A 60 -1.91 -3.98 15.91
CA GLU A 60 -1.60 -4.32 17.30
C GLU A 60 -0.94 -5.69 17.43
N ALA A 61 -0.96 -6.52 16.39
CA ALA A 61 -0.28 -7.80 16.51
C ALA A 61 1.12 -7.78 15.90
N VAL A 62 1.44 -6.77 15.12
CA VAL A 62 2.81 -6.68 14.61
C VAL A 62 3.68 -6.17 15.74
N GLN A 63 4.11 -7.07 16.60
CA GLN A 63 4.99 -6.75 17.71
C GLN A 63 6.42 -7.13 17.34
N MET A 64 7.34 -6.22 17.62
CA MET A 64 8.72 -6.39 17.17
C MET A 64 9.29 -7.73 17.63
N ARG A 65 9.04 -8.11 18.89
CA ARG A 65 9.55 -9.38 19.41
C ARG A 65 8.95 -10.56 18.65
N ALA A 66 7.68 -10.47 18.27
CA ALA A 66 7.03 -11.55 17.54
C ALA A 66 7.53 -11.61 16.10
N VAL A 67 7.82 -10.46 15.49
CA VAL A 67 8.39 -10.48 14.15
C VAL A 67 9.79 -11.07 14.18
N ALA A 68 10.59 -10.71 15.19
CA ALA A 68 11.93 -11.25 15.29
C ALA A 68 11.93 -12.72 15.64
N ASP A 69 10.89 -13.18 16.36
CA ASP A 69 10.69 -14.60 16.55
C ASP A 69 10.42 -15.28 15.22
N ARG A 70 9.28 -14.96 14.59
CA ARG A 70 8.85 -15.68 13.39
C ARG A 70 9.89 -15.60 12.28
N ALA A 71 10.83 -14.67 12.35
CA ALA A 71 11.88 -14.59 11.38
C ALA A 71 13.14 -15.32 11.79
N ASP A 72 13.21 -15.79 13.03
CA ASP A 72 14.43 -16.33 13.59
C ASP A 72 15.59 -15.35 13.40
N VAL A 73 15.39 -14.13 13.94
CA VAL A 73 16.43 -13.12 14.05
C VAL A 73 16.33 -12.51 15.44
N ALA A 74 17.41 -11.88 15.87
CA ALA A 74 17.40 -11.14 17.12
C ALA A 74 16.69 -9.80 16.94
N VAL A 75 16.04 -9.34 18.02
CA VAL A 75 15.44 -8.01 18.00
C VAL A 75 16.46 -6.97 17.57
N GLY A 76 17.72 -7.14 18.00
CA GLY A 76 18.77 -6.24 17.52
C GLY A 76 19.02 -6.37 16.04
N THR A 77 18.88 -7.58 15.51
CA THR A 77 18.94 -7.73 14.06
C THR A 77 17.74 -7.07 13.39
N LEU A 78 16.53 -7.36 13.90
CA LEU A 78 15.32 -6.79 13.32
C LEU A 78 15.41 -5.27 13.27
N TYR A 79 16.00 -4.65 14.28
CA TYR A 79 16.17 -3.21 14.20
C TYR A 79 17.29 -2.81 13.25
N ARG A 80 18.38 -3.59 13.20
CA ARG A 80 19.41 -3.31 12.19
C ARG A 80 18.81 -3.24 10.79
N TYR A 81 17.84 -4.11 10.49
CA TYR A 81 17.26 -4.11 9.14
C TYR A 81 16.16 -3.07 8.99
N PHE A 82 15.44 -2.76 10.06
CA PHE A 82 14.38 -1.77 10.01
C PHE A 82 14.38 -0.99 11.32
N PRO A 83 14.80 0.27 11.30
CA PRO A 83 15.07 0.98 12.56
C PRO A 83 13.83 1.24 13.40
N SER A 84 12.66 0.83 12.93
CA SER A 84 11.45 1.01 13.70
C SER A 84 10.37 0.07 13.18
N LYS A 85 9.29 -0.03 13.96
CA LYS A 85 8.10 -0.73 13.51
C LYS A 85 7.55 -0.10 12.24
N VAL A 86 7.35 1.22 12.26
CA VAL A 86 6.82 1.94 11.10
C VAL A 86 7.62 1.63 9.84
N HIS A 87 8.95 1.84 9.90
CA HIS A 87 9.79 1.54 8.74
C HIS A 87 9.58 0.12 8.26
N LEU A 88 9.38 -0.79 9.21
CA LEU A 88 9.13 -2.19 8.86
C LEU A 88 7.86 -2.32 8.03
N LEU A 89 6.70 -1.98 8.61
CA LEU A 89 5.45 -2.25 7.89
C LEU A 89 5.31 -1.41 6.63
N VAL A 90 5.81 -0.18 6.60
CA VAL A 90 5.74 0.56 5.35
C VAL A 90 6.77 0.05 4.35
N SER A 91 7.81 -0.66 4.81
CA SER A 91 8.66 -1.38 3.87
C SER A 91 7.90 -2.57 3.28
N ALA A 92 7.10 -3.25 4.11
CA ALA A 92 6.31 -4.37 3.61
C ALA A 92 5.25 -3.88 2.64
N LEU A 93 4.69 -2.68 2.90
CA LEU A 93 3.78 -2.07 1.94
C LEU A 93 4.51 -1.68 0.67
N GLY A 94 5.74 -1.17 0.82
CA GLY A 94 6.58 -0.92 -0.34
C GLY A 94 6.69 -2.13 -1.25
N ARG A 95 7.00 -3.30 -0.67
CA ARG A 95 7.17 -4.46 -1.54
C ARG A 95 5.84 -5.08 -1.97
N GLU A 96 4.77 -4.90 -1.21
CA GLU A 96 3.46 -5.38 -1.67
C GLU A 96 3.03 -4.61 -2.91
N PHE A 97 3.07 -3.27 -2.84
CA PHE A 97 2.72 -2.47 -4.01
C PHE A 97 3.72 -2.65 -5.14
N SER A 98 4.98 -2.91 -4.81
CA SER A 98 5.95 -3.22 -5.86
C SER A 98 5.56 -4.49 -6.61
N ARG A 99 5.20 -5.55 -5.88
CA ARG A 99 4.77 -6.78 -6.53
C ARG A 99 3.49 -6.57 -7.33
N ILE A 100 2.52 -5.83 -6.78
CA ILE A 100 1.26 -5.63 -7.48
C ILE A 100 1.47 -4.81 -8.75
N ASP A 101 2.35 -3.80 -8.69
CA ASP A 101 2.69 -3.05 -9.88
C ASP A 101 3.42 -3.92 -10.90
N ALA A 102 4.25 -4.85 -10.41
CA ALA A 102 4.95 -5.76 -11.31
C ALA A 102 3.98 -6.64 -12.09
N LYS A 103 2.96 -7.18 -11.41
CA LYS A 103 1.95 -7.94 -12.13
C LYS A 103 1.08 -7.06 -13.01
N THR A 104 0.88 -5.80 -12.61
CA THR A 104 0.10 -4.87 -13.40
C THR A 104 0.86 -4.30 -14.59
N ASP A 105 2.13 -4.64 -14.75
CA ASP A 105 2.94 -4.10 -15.84
C ASP A 105 3.63 -5.21 -16.62
N VAL A 109 -5.45 -2.20 -17.89
CA VAL A 109 -5.28 -2.46 -19.33
C VAL A 109 -6.63 -2.43 -20.01
N ALA A 110 -7.60 -3.09 -19.38
CA ALA A 110 -8.95 -3.21 -19.94
C ALA A 110 -9.67 -1.87 -19.82
N GLY A 111 -9.90 -1.22 -20.96
CA GLY A 111 -10.62 0.04 -20.98
C GLY A 111 -10.37 0.89 -22.22
N ALA A 112 -11.44 1.31 -22.88
CA ALA A 112 -11.33 2.20 -24.04
C ALA A 112 -11.31 3.66 -23.66
N THR A 113 -11.68 3.99 -22.42
CA THR A 113 -11.73 5.34 -21.91
C THR A 113 -10.81 5.45 -20.70
N PRO A 114 -10.06 6.54 -20.57
CA PRO A 114 -9.27 6.73 -19.34
C PRO A 114 -10.15 6.73 -18.10
N PHE A 115 -11.42 7.08 -18.25
CA PHE A 115 -12.36 6.99 -17.13
C PHE A 115 -12.52 5.53 -16.69
N GLN A 116 -12.82 4.63 -17.64
CA GLN A 116 -13.02 3.23 -17.27
C GLN A 116 -11.72 2.56 -16.87
N ARG A 117 -10.58 3.03 -17.39
CA ARG A 117 -9.31 2.46 -16.95
C ARG A 117 -9.00 2.85 -15.50
N LEU A 118 -9.13 4.15 -15.18
CA LEU A 118 -8.93 4.55 -13.80
C LEU A 118 -9.90 3.83 -12.88
N ASN A 119 -11.17 3.76 -13.26
CA ASN A 119 -12.12 2.97 -12.49
C ASN A 119 -11.67 1.52 -12.34
N PHE A 120 -10.95 1.00 -13.35
CA PHE A 120 -10.50 -0.38 -13.28
C PHE A 120 -9.36 -0.53 -12.28
N MET A 121 -8.46 0.45 -12.21
CA MET A 121 -7.36 0.39 -11.24
C MET A 121 -7.85 0.64 -9.82
N VAL A 122 -8.70 1.64 -9.62
CA VAL A 122 -9.21 1.90 -8.28
C VAL A 122 -10.04 0.72 -7.82
N GLY A 123 -10.72 0.04 -8.75
CA GLY A 123 -11.44 -1.17 -8.39
C GLY A 123 -10.53 -2.36 -8.10
N LYS A 124 -9.45 -2.49 -8.87
CA LYS A 124 -8.49 -3.57 -8.63
C LYS A 124 -7.85 -3.43 -7.27
N LEU A 125 -7.32 -2.25 -6.97
CA LEU A 125 -6.58 -2.05 -5.72
C LEU A 125 -7.52 -1.99 -4.53
N ASN A 126 -8.62 -1.23 -4.65
CA ASN A 126 -9.60 -1.21 -3.57
C ASN A 126 -10.13 -2.61 -3.29
N ARG A 127 -10.27 -3.43 -4.33
CA ARG A 127 -10.75 -4.80 -4.16
C ARG A 127 -9.72 -5.66 -3.46
N ALA A 128 -8.45 -5.58 -3.89
CA ALA A 128 -7.39 -6.41 -3.33
C ALA A 128 -7.13 -6.06 -1.87
N MET A 129 -6.96 -4.77 -1.56
CA MET A 129 -6.64 -4.39 -0.19
C MET A 129 -7.71 -4.85 0.80
N GLN A 130 -8.95 -5.05 0.33
CA GLN A 130 -9.99 -5.60 1.19
C GLN A 130 -9.94 -7.11 1.30
N ARG A 131 -9.04 -7.78 0.58
CA ARG A 131 -8.95 -9.23 0.72
C ARG A 131 -8.32 -9.60 2.06
N ASN A 132 -7.26 -8.92 2.47
CA ASN A 132 -6.68 -9.09 3.80
C ASN A 132 -6.94 -7.82 4.59
N PRO A 133 -8.08 -7.70 5.29
CA PRO A 133 -8.40 -6.44 5.97
C PRO A 133 -7.41 -6.04 7.05
N LEU A 134 -6.88 -6.98 7.82
CA LEU A 134 -6.00 -6.60 8.93
C LEU A 134 -4.57 -6.39 8.47
N LEU A 135 -4.11 -7.15 7.49
CA LEU A 135 -2.84 -6.83 6.85
C LEU A 135 -2.88 -5.42 6.25
N THR A 136 -3.96 -5.11 5.54
CA THR A 136 -4.15 -3.77 5.02
C THR A 136 -4.19 -2.75 6.15
N GLU A 137 -4.82 -3.10 7.27
CA GLU A 137 -4.92 -2.16 8.39
C GLU A 137 -3.54 -1.82 8.92
N ALA A 138 -2.75 -2.84 9.25
CA ALA A 138 -1.43 -2.62 9.81
C ALA A 138 -0.56 -1.80 8.86
N MET A 139 -0.49 -2.19 7.58
CA MET A 139 0.38 -1.46 6.67
C MET A 139 -0.11 -0.05 6.41
N THR A 140 -1.43 0.14 6.27
CA THR A 140 -1.95 1.45 5.91
C THR A 140 -1.82 2.42 7.07
N ARG A 141 -2.11 1.95 8.29
CA ARG A 141 -1.91 2.81 9.46
C ARG A 141 -0.44 3.14 9.63
N ALA A 142 0.45 2.17 9.44
CA ALA A 142 1.87 2.47 9.49
C ALA A 142 2.25 3.55 8.47
N TYR A 143 1.77 3.39 7.24
CA TYR A 143 2.07 4.35 6.18
C TYR A 143 1.54 5.74 6.52
N VAL A 144 0.42 5.80 7.25
CA VAL A 144 -0.27 7.07 7.46
C VAL A 144 0.20 7.77 8.72
N PHE A 145 0.80 7.03 9.67
CA PHE A 145 1.25 7.55 10.95
C PHE A 145 2.76 7.77 10.99
N ALA A 146 3.47 7.40 9.92
CA ALA A 146 4.91 7.60 9.89
C ALA A 146 5.25 9.08 10.04
N ASP A 147 6.49 9.34 10.44
CA ASP A 147 7.02 10.69 10.50
C ASP A 147 8.13 10.84 9.46
N ALA A 148 8.96 11.86 9.64
CA ALA A 148 9.99 12.16 8.65
C ALA A 148 11.01 11.04 8.53
N SER A 149 11.22 10.26 9.60
CA SER A 149 12.28 9.26 9.59
C SER A 149 12.08 8.24 8.46
N ALA A 150 10.83 7.86 8.20
CA ALA A 150 10.50 6.93 7.13
C ALA A 150 10.00 7.64 5.89
N ALA A 151 10.07 8.98 5.85
CA ALA A 151 9.54 9.75 4.74
C ALA A 151 9.90 9.11 3.41
N SER A 152 11.20 8.91 3.17
CA SER A 152 11.70 8.21 1.99
C SER A 152 10.82 7.03 1.62
N GLU A 153 10.81 6.00 2.47
CA GLU A 153 9.97 4.82 2.21
C GLU A 153 8.55 5.23 1.85
N VAL A 154 7.92 6.02 2.71
CA VAL A 154 6.56 6.49 2.44
C VAL A 154 6.49 7.09 1.04
N ASP A 155 7.36 8.06 0.76
CA ASP A 155 7.34 8.72 -0.53
C ASP A 155 7.38 7.69 -1.65
N GLN A 156 8.27 6.71 -1.54
CA GLN A 156 8.37 5.68 -2.56
C GLN A 156 7.02 5.04 -2.82
N VAL A 157 6.38 4.52 -1.76
CA VAL A 157 5.06 3.92 -1.90
C VAL A 157 4.14 4.88 -2.62
N GLU A 158 4.05 6.12 -2.13
CA GLU A 158 3.17 7.11 -2.73
C GLU A 158 3.40 7.19 -4.23
N LYS A 159 4.67 7.35 -4.62
CA LYS A 159 4.99 7.46 -6.04
C LYS A 159 4.44 6.27 -6.80
N LEU A 160 4.77 5.06 -6.34
CA LEU A 160 4.29 3.86 -7.03
C LEU A 160 2.79 3.95 -7.28
N ILE A 161 2.01 4.24 -6.24
CA ILE A 161 0.56 4.24 -6.41
C ILE A 161 0.17 5.20 -7.50
N ASP A 162 0.65 6.44 -7.40
CA ASP A 162 0.38 7.42 -8.45
C ASP A 162 0.68 6.82 -9.80
N SER A 163 1.92 6.34 -9.98
CA SER A 163 2.32 5.78 -11.27
C SER A 163 1.27 4.83 -11.78
N MET A 164 0.84 3.88 -10.93
CA MET A 164 -0.16 2.92 -11.36
C MET A 164 -1.38 3.62 -11.90
N PHE A 165 -2.04 4.42 -11.06
CA PHE A 165 -3.21 5.17 -11.52
C PHE A 165 -2.87 5.97 -12.77
N ALA A 166 -1.70 6.65 -12.76
CA ALA A 166 -1.31 7.43 -13.91
C ALA A 166 -1.18 6.55 -15.14
N ARG A 167 -0.44 5.44 -15.01
CA ARG A 167 -0.27 4.55 -16.15
C ARG A 167 -1.60 3.93 -16.56
N ALA A 168 -2.56 3.85 -15.65
CA ALA A 168 -3.88 3.36 -16.04
C ALA A 168 -4.56 4.34 -16.99
N MET A 169 -4.41 5.64 -16.75
CA MET A 169 -5.16 6.60 -17.54
C MET A 169 -4.59 6.70 -18.95
N ALA A 170 -3.30 7.03 -19.07
CA ALA A 170 -2.72 7.19 -20.40
C ALA A 170 -2.52 5.87 -21.12
N ASN A 171 -2.60 4.73 -20.42
CA ASN A 171 -2.18 3.44 -20.96
C ASN A 171 -0.69 3.48 -21.36
N GLY A 172 0.11 4.20 -20.57
CA GLY A 172 1.52 4.40 -20.85
C GLY A 172 2.11 5.61 -20.15
N GLU A 173 3.07 6.28 -20.77
CA GLU A 173 3.63 7.50 -20.21
C GLU A 173 2.57 8.58 -20.15
N PRO A 174 2.15 9.02 -18.98
CA PRO A 174 0.96 9.88 -18.87
C PRO A 174 1.30 11.36 -18.98
N THR A 175 0.24 12.17 -18.97
CA THR A 175 0.40 13.62 -19.03
C THR A 175 0.86 14.14 -17.67
N GLU A 176 1.00 15.47 -17.59
CA GLU A 176 1.13 16.09 -16.28
C GLU A 176 -0.21 16.12 -15.56
N ASP A 177 -1.27 16.51 -16.28
CA ASP A 177 -2.62 16.50 -15.70
C ASP A 177 -3.05 15.09 -15.34
N GLN A 178 -2.56 14.07 -16.05
CA GLN A 178 -2.96 12.71 -15.71
C GLN A 178 -2.27 12.26 -14.43
N TYR A 179 -1.00 12.63 -14.22
CA TYR A 179 -0.37 12.39 -12.93
C TYR A 179 -1.02 13.20 -11.83
N HIS A 180 -1.52 14.39 -12.16
CA HIS A 180 -2.26 15.21 -11.20
C HIS A 180 -3.50 14.48 -10.70
N ILE A 181 -4.40 14.15 -11.63
CA ILE A 181 -5.62 13.44 -11.25
C ILE A 181 -5.29 12.16 -10.51
N ALA A 182 -4.30 11.40 -11.02
CA ALA A 182 -3.90 10.19 -10.31
C ALA A 182 -3.48 10.51 -8.88
N ARG A 183 -2.83 11.67 -8.69
CA ARG A 183 -2.39 12.03 -7.34
C ARG A 183 -3.59 12.28 -6.43
N VAL A 184 -4.54 13.11 -6.88
CA VAL A 184 -5.72 13.40 -6.07
C VAL A 184 -6.49 12.11 -5.78
N ILE A 185 -6.62 11.24 -6.78
CA ILE A 185 -7.32 9.98 -6.56
C ILE A 185 -6.59 9.13 -5.54
N SER A 186 -5.26 9.12 -5.59
CA SER A 186 -4.51 8.40 -4.56
C SER A 186 -4.90 8.90 -3.18
N ASP A 187 -4.95 10.23 -3.01
CA ASP A 187 -5.42 10.81 -1.75
C ASP A 187 -6.80 10.27 -1.37
N VAL A 188 -7.77 10.37 -2.28
CA VAL A 188 -9.15 9.99 -1.96
C VAL A 188 -9.24 8.51 -1.59
N TRP A 189 -8.41 7.68 -2.22
CA TRP A 189 -8.48 6.26 -1.91
C TRP A 189 -7.83 5.95 -0.57
N LEU A 190 -6.70 6.59 -0.25
CA LEU A 190 -6.11 6.41 1.07
C LEU A 190 -7.06 6.88 2.16
N SER A 191 -7.71 8.03 1.95
CA SER A 191 -8.68 8.53 2.92
C SER A 191 -9.81 7.54 3.12
N ASN A 192 -10.40 7.05 2.02
CA ASN A 192 -11.58 6.20 2.14
C ASN A 192 -11.23 4.82 2.69
N LEU A 193 -10.20 4.20 2.13
CA LEU A 193 -9.67 2.96 2.68
C LEU A 193 -9.38 3.10 4.17
N LEU A 194 -8.84 4.26 4.57
CA LEU A 194 -8.58 4.50 5.99
C LEU A 194 -9.88 4.55 6.79
N ALA A 195 -10.93 5.13 6.21
CA ALA A 195 -12.23 5.14 6.90
C ALA A 195 -12.81 3.73 7.02
N TRP A 196 -12.60 2.88 6.02
CA TRP A 196 -13.14 1.53 6.06
C TRP A 196 -12.35 0.63 7.00
N LEU A 197 -11.06 0.91 7.20
CA LEU A 197 -10.27 0.16 8.17
C LEU A 197 -10.76 0.38 9.59
N THR A 198 -11.44 1.49 9.85
CA THR A 198 -11.86 1.85 11.19
C THR A 198 -13.37 1.79 11.36
N ARG A 199 -14.04 0.98 10.55
CA ARG A 199 -15.49 0.77 10.60
C ARG A 199 -16.28 2.07 10.42
N ARG A 200 -15.64 3.15 9.98
CA ARG A 200 -16.32 4.41 9.73
C ARG A 200 -17.07 4.42 8.41
N ALA A 201 -16.68 3.56 7.47
CA ALA A 201 -17.34 3.46 6.19
C ALA A 201 -17.47 1.99 5.81
N SER A 202 -18.50 1.69 5.02
CA SER A 202 -18.69 0.34 4.51
C SER A 202 -18.07 0.24 3.12
N ALA A 203 -17.95 -1.01 2.65
CA ALA A 203 -17.44 -1.23 1.31
C ALA A 203 -18.27 -0.47 0.27
N THR A 204 -19.59 -0.43 0.45
CA THR A 204 -20.44 0.31 -0.48
C THR A 204 -20.14 1.81 -0.41
N ASP A 205 -19.96 2.34 0.80
CA ASP A 205 -19.64 3.77 0.95
C ASP A 205 -18.32 4.11 0.25
N VAL A 206 -17.30 3.28 0.47
CA VAL A 206 -16.00 3.52 -0.14
C VAL A 206 -16.11 3.48 -1.66
N SER A 207 -16.84 2.50 -2.19
CA SER A 207 -17.03 2.41 -3.64
C SER A 207 -17.74 3.65 -4.18
N LYS A 208 -18.81 4.09 -3.50
CA LYS A 208 -19.50 5.32 -3.88
C LYS A 208 -18.52 6.48 -4.00
N ARG A 209 -17.79 6.77 -2.92
CA ARG A 209 -16.94 7.95 -2.92
C ARG A 209 -15.79 7.84 -3.90
N LEU A 210 -15.31 6.63 -4.17
CA LEU A 210 -14.29 6.48 -5.20
C LEU A 210 -14.85 6.78 -6.59
N ASP A 211 -15.93 6.07 -6.97
CA ASP A 211 -16.53 6.34 -8.27
C ASP A 211 -16.88 7.81 -8.42
N LEU A 212 -17.33 8.44 -7.35
CA LEU A 212 -17.73 9.84 -7.44
C LEU A 212 -16.52 10.75 -7.59
N ALA A 213 -15.45 10.47 -6.85
CA ALA A 213 -14.21 11.24 -7.02
C ALA A 213 -13.70 11.15 -8.46
N VAL A 214 -13.66 9.95 -9.02
CA VAL A 214 -13.11 9.84 -10.37
C VAL A 214 -14.08 10.47 -11.37
N ARG A 215 -15.38 10.41 -11.09
CA ARG A 215 -16.34 10.98 -12.02
C ARG A 215 -16.26 12.51 -12.03
N LEU A 216 -16.00 13.14 -10.88
CA LEU A 216 -15.85 14.59 -10.86
C LEU A 216 -14.47 15.05 -11.33
N LEU A 217 -13.45 14.19 -11.24
CA LEU A 217 -12.14 14.54 -11.77
C LEU A 217 -12.01 14.35 -13.27
N ILE A 218 -12.98 13.70 -13.91
CA ILE A 218 -13.06 13.63 -15.36
C ILE A 218 -14.43 14.18 -15.73
N GLY A 219 -14.50 15.49 -15.97
CA GLY A 219 -15.76 16.13 -16.30
C GLY A 219 -16.15 16.05 -17.77
C4 PGE D . -15.38 -5.27 7.56
O4 PGE D . -11.45 -4.09 9.80
C6 PGE D . -12.28 -3.70 8.70
C5 PGE D . -13.18 -4.86 8.32
O3 PGE D . -14.29 -4.36 7.59
#